data_4CB7
#
_entry.id   4CB7
#
_cell.length_a   36.940
_cell.length_b   108.180
_cell.length_c   39.050
_cell.angle_alpha   90.00
_cell.angle_beta   91.08
_cell.angle_gamma   90.00
#
_symmetry.space_group_name_H-M   'P 1 21 1'
#
loop_
_entity.id
_entity.type
_entity.pdbx_description
1 polymer 'POLYMERASE BASIC SUBUNIT 2'
2 non-polymer GLYCEROL
3 non-polymer '5-[2-(2-azanyl-7-methyl-6-oxidanylidene-1H-purin-9-ium-9-yl)ethanoyl]-2-oxidanyl-benzoic acid'
4 water water
#
_entity_poly.entity_id   1
_entity_poly.type   'polypeptide(L)'
_entity_poly.pdbx_seq_one_letter_code
;GRISSSFSFGGFTFKRTSGSSVKKEEEVLTGNLQTLKIRVHEGYEEFTMVGRRATAILRKATRRLIQLIVSGRDEQSIAE
AIIVAMVFSQEDCMIKAVRGDLNFGSGLNPMHQLLRHFQKDAKVLFQNWGIEPIDNVMGMIGILPDMTPSTEMSLRGVRV
SKM
;
_entity_poly.pdbx_strand_id   A,B
#
# COMPACT_ATOMS: atom_id res chain seq x y z
N ILE A 3 1.87 -0.35 18.46
CA ILE A 3 1.04 -1.56 18.12
C ILE A 3 -0.42 -1.31 18.48
N SER A 4 -1.30 -1.32 17.46
CA SER A 4 -2.72 -0.99 17.66
C SER A 4 -3.63 -2.23 17.61
N SER A 5 -3.03 -3.41 17.46
CA SER A 5 -3.78 -4.66 17.41
C SER A 5 -2.78 -5.82 17.47
N SER A 6 -3.14 -6.90 18.15
CA SER A 6 -2.36 -8.15 18.16
C SER A 6 -3.33 -9.35 18.10
N PHE A 7 -3.10 -10.25 17.14
CA PHE A 7 -3.92 -11.43 16.97
C PHE A 7 -3.08 -12.49 16.27
N SER A 8 -3.60 -13.70 16.28
CA SER A 8 -2.93 -14.87 15.71
C SER A 8 -3.72 -15.33 14.54
N PHE A 9 -3.03 -15.66 13.46
CA PHE A 9 -3.66 -16.24 12.27
C PHE A 9 -2.66 -17.15 11.60
N GLY A 10 -3.08 -18.40 11.31
CA GLY A 10 -2.22 -19.38 10.62
C GLY A 10 -0.93 -19.67 11.36
N GLY A 11 -1.00 -19.54 12.67
CA GLY A 11 0.15 -19.80 13.55
C GLY A 11 1.18 -18.69 13.60
N PHE A 12 0.80 -17.50 13.13
CA PHE A 12 1.61 -16.33 13.16
C PHE A 12 0.90 -15.32 14.05
N THR A 13 1.67 -14.70 14.91
CA THR A 13 1.19 -13.49 15.57
C THR A 13 1.42 -12.27 14.71
N PHE A 14 0.33 -11.54 14.48
CA PHE A 14 0.28 -10.33 13.71
C PHE A 14 0.20 -9.18 14.67
N LYS A 15 1.09 -8.22 14.52
CA LYS A 15 1.01 -7.03 15.32
C LYS A 15 0.88 -5.88 14.35
N ARG A 16 -0.21 -5.14 14.46
CA ARG A 16 -0.44 -4.04 13.55
C ARG A 16 0.30 -2.79 14.00
N THR A 17 1.14 -2.29 13.11
CA THR A 17 2.07 -1.20 13.42
C THR A 17 1.56 0.06 12.78
N SER A 18 0.64 -0.04 11.83
CA SER A 18 0.13 1.17 11.27
C SER A 18 -1.15 0.87 10.56
N GLY A 19 -1.97 1.89 10.47
CA GLY A 19 -3.17 1.80 9.67
C GLY A 19 -4.35 1.22 10.43
N SER A 20 -5.41 1.00 9.70
CA SER A 20 -6.57 0.42 10.29
C SER A 20 -7.45 -0.14 9.19
N SER A 21 -8.41 -0.93 9.61
CA SER A 21 -9.39 -1.43 8.65
C SER A 21 -10.75 -1.65 9.29
N VAL A 22 -11.72 -1.79 8.42
CA VAL A 22 -13.08 -2.13 8.78
C VAL A 22 -13.49 -3.41 8.02
N LYS A 23 -14.21 -4.29 8.68
CA LYS A 23 -14.63 -5.54 8.10
C LYS A 23 -15.93 -5.32 7.37
N LYS A 24 -16.01 -5.81 6.14
CA LYS A 24 -17.23 -5.71 5.33
C LYS A 24 -17.54 -7.09 4.74
N GLU A 25 -18.73 -7.59 4.99
CA GLU A 25 -19.06 -8.91 4.47
C GLU A 25 -19.20 -8.75 2.96
N GLU A 26 -18.59 -9.65 2.21
CA GLU A 26 -18.63 -9.60 0.74
C GLU A 26 -18.63 -11.00 0.17
N GLU A 27 -19.22 -11.13 -1.00
CA GLU A 27 -19.34 -12.38 -1.66
C GLU A 27 -18.20 -12.50 -2.68
N VAL A 28 -17.47 -13.61 -2.65
CA VAL A 28 -16.44 -13.86 -3.66
C VAL A 28 -16.61 -15.23 -4.31
N LEU A 29 -16.04 -15.35 -5.48
CA LEU A 29 -16.12 -16.61 -6.24
C LEU A 29 -14.74 -17.24 -6.31
N THR A 30 -14.62 -18.43 -5.76
CA THR A 30 -13.37 -19.16 -5.79
C THR A 30 -13.04 -19.69 -7.18
N GLY A 31 -11.78 -20.11 -7.35
CA GLY A 31 -11.38 -20.78 -8.58
C GLY A 31 -12.04 -22.16 -8.75
N ASN A 32 -12.77 -22.63 -7.74
CA ASN A 32 -13.57 -23.85 -7.88
C ASN A 32 -15.03 -23.52 -8.16
N LEU A 33 -15.30 -22.24 -8.37
CA LEU A 33 -16.60 -21.71 -8.65
C LEU A 33 -17.56 -21.82 -7.48
N GLN A 34 -17.03 -21.78 -6.26
CA GLN A 34 -17.85 -21.68 -5.07
C GLN A 34 -18.02 -20.22 -4.66
N THR A 35 -19.26 -19.84 -4.42
CA THR A 35 -19.53 -18.49 -3.97
C THR A 35 -19.39 -18.47 -2.47
N LEU A 36 -18.42 -17.71 -1.93
CA LEU A 36 -18.13 -17.67 -0.48
C LEU A 36 -18.43 -16.30 0.08
N LYS A 37 -18.96 -16.25 1.30
CA LYS A 37 -19.15 -14.97 2.00
C LYS A 37 -17.98 -14.81 2.94
N ILE A 38 -17.19 -13.77 2.70
CA ILE A 38 -16.03 -13.48 3.55
C ILE A 38 -16.14 -12.08 4.12
N ARG A 39 -15.53 -11.90 5.30
CA ARG A 39 -15.36 -10.60 5.86
C ARG A 39 -14.08 -9.99 5.29
N VAL A 40 -14.28 -9.08 4.35
CA VAL A 40 -13.17 -8.42 3.72
C VAL A 40 -12.69 -7.27 4.62
N HIS A 41 -11.38 -7.19 4.83
CA HIS A 41 -10.75 -6.09 5.57
C HIS A 41 -10.42 -4.93 4.64
N GLU A 42 -11.09 -3.80 4.89
CA GLU A 42 -11.02 -2.64 4.05
C GLU A 42 -10.16 -1.62 4.71
N GLY A 43 -9.03 -1.30 4.07
CA GLY A 43 -8.07 -0.35 4.56
C GLY A 43 -6.63 -0.75 4.37
N TYR A 44 -5.72 0.21 4.55
CA TYR A 44 -4.29 -0.01 4.41
C TYR A 44 -3.78 -0.29 5.82
N GLU A 45 -3.00 -1.36 5.97
CA GLU A 45 -2.44 -1.75 7.26
C GLU A 45 -1.07 -2.36 7.07
N GLU A 46 -0.23 -2.18 8.07
CA GLU A 46 1.07 -2.79 8.13
C GLU A 46 1.14 -3.60 9.39
N PHE A 47 1.82 -4.75 9.31
CA PHE A 47 1.96 -5.70 10.37
C PHE A 47 3.39 -6.26 10.44
N THR A 48 3.80 -6.69 11.62
CA THR A 48 4.88 -7.60 11.72
C THR A 48 4.19 -8.94 11.96
N MET A 49 4.73 -10.02 11.40
CA MET A 49 4.21 -11.35 11.60
C MET A 49 5.32 -12.13 12.25
N VAL A 50 4.98 -12.84 13.32
CA VAL A 50 5.93 -13.68 14.01
C VAL A 50 5.39 -15.06 14.26
N GLY A 51 6.03 -16.02 13.61
CA GLY A 51 5.68 -17.41 13.74
C GLY A 51 6.73 -18.14 14.53
N ARG A 52 6.50 -19.44 14.69
CA ARG A 52 7.48 -20.28 15.36
C ARG A 52 8.81 -20.37 14.58
N ARG A 53 8.74 -20.26 13.25
CA ARG A 53 9.92 -20.54 12.41
C ARG A 53 10.24 -19.49 11.34
N ALA A 54 9.48 -18.41 11.31
CA ALA A 54 9.73 -17.34 10.35
C ALA A 54 9.10 -16.08 10.90
N THR A 55 9.56 -14.94 10.38
CA THR A 55 8.98 -13.65 10.64
C THR A 55 8.82 -12.87 9.36
N ALA A 56 7.98 -11.83 9.36
CA ALA A 56 7.82 -11.02 8.18
C ALA A 56 7.28 -9.63 8.55
N ILE A 57 7.46 -8.72 7.61
CA ILE A 57 6.79 -7.43 7.54
C ILE A 57 5.81 -7.60 6.41
N LEU A 58 4.57 -7.20 6.64
CA LEU A 58 3.47 -7.23 5.68
C LEU A 58 2.82 -5.85 5.56
N ARG A 59 2.82 -5.34 4.36
CA ARG A 59 2.07 -4.11 4.03
C ARG A 59 0.95 -4.53 3.09
N LYS A 60 -0.27 -4.14 3.43
CA LYS A 60 -1.39 -4.58 2.61
C LYS A 60 -2.48 -3.55 2.58
N ALA A 61 -3.36 -3.64 1.59
CA ALA A 61 -4.53 -2.82 1.57
C ALA A 61 -5.72 -3.72 1.23
N THR A 62 -6.82 -3.13 0.80
CA THR A 62 -8.03 -3.91 0.62
C THR A 62 -7.79 -4.92 -0.50
N ARG A 63 -7.86 -6.19 -0.14
CA ARG A 63 -7.66 -7.32 -1.10
C ARG A 63 -6.43 -7.13 -1.96
N ARG A 64 -5.33 -6.65 -1.35
CA ARG A 64 -4.15 -6.30 -2.08
C ARG A 64 -2.94 -6.49 -1.19
N LEU A 65 -2.03 -7.40 -1.59
CA LEU A 65 -0.70 -7.42 -0.94
C LEU A 65 0.20 -6.35 -1.56
N ILE A 66 0.76 -5.47 -0.76
CA ILE A 66 1.64 -4.45 -1.25
C ILE A 66 3.09 -4.88 -1.15
N GLN A 67 3.51 -5.30 0.04
CA GLN A 67 4.82 -5.80 0.27
C GLN A 67 4.88 -6.86 1.36
N LEU A 68 5.70 -7.89 1.14
CA LEU A 68 5.97 -8.88 2.15
C LEU A 68 7.46 -9.16 2.13
N ILE A 69 8.11 -8.91 3.26
CA ILE A 69 9.51 -9.21 3.43
CA ILE A 69 9.52 -9.21 3.44
C ILE A 69 9.60 -10.29 4.50
N VAL A 70 10.09 -11.46 4.11
CA VAL A 70 10.04 -12.60 4.99
CA VAL A 70 10.05 -12.65 4.94
C VAL A 70 11.46 -13.07 5.36
N SER A 71 11.60 -13.52 6.58
CA SER A 71 12.86 -14.05 7.10
C SER A 71 12.54 -15.42 7.67
N GLY A 72 13.27 -16.46 7.29
CA GLY A 72 13.03 -17.79 7.85
C GLY A 72 14.26 -18.69 7.87
N ARG A 73 14.19 -19.80 8.60
CA ARG A 73 15.33 -20.72 8.79
C ARG A 73 15.66 -21.43 7.49
N ASP A 74 14.60 -21.82 6.77
CA ASP A 74 14.71 -22.61 5.56
C ASP A 74 13.51 -22.32 4.62
N GLU A 75 13.52 -22.99 3.48
CA GLU A 75 12.56 -22.69 2.43
C GLU A 75 11.15 -23.07 2.87
N GLN A 76 11.01 -24.18 3.60
CA GLN A 76 9.69 -24.61 4.04
C GLN A 76 9.06 -23.55 4.94
N SER A 77 9.85 -22.99 5.85
CA SER A 77 9.40 -21.98 6.81
C SER A 77 9.01 -20.67 6.11
N ILE A 78 9.78 -20.28 5.11
CA ILE A 78 9.51 -19.12 4.30
C ILE A 78 8.19 -19.32 3.51
N ALA A 79 8.03 -20.51 2.90
CA ALA A 79 6.79 -20.87 2.17
C ALA A 79 5.56 -20.75 3.05
N GLU A 80 5.62 -21.25 4.29
CA GLU A 80 4.53 -21.16 5.25
C GLU A 80 4.06 -19.71 5.50
N ALA A 81 5.01 -18.82 5.67
CA ALA A 81 4.74 -17.39 5.93
C ALA A 81 4.14 -16.76 4.71
N ILE A 82 4.66 -17.12 3.56
CA ILE A 82 4.17 -16.59 2.31
C ILE A 82 2.72 -17.03 2.10
N ILE A 83 2.42 -18.30 2.36
CA ILE A 83 1.03 -18.79 2.23
C ILE A 83 0.05 -18.03 3.14
N VAL A 84 0.42 -17.89 4.40
CA VAL A 84 -0.43 -17.17 5.32
C VAL A 84 -0.63 -15.73 4.88
N ALA A 85 0.44 -15.06 4.47
CA ALA A 85 0.32 -13.67 4.06
C ALA A 85 -0.59 -13.53 2.79
N MET A 86 -0.46 -14.46 1.84
CA MET A 86 -1.24 -14.40 0.59
C MET A 86 -2.73 -14.62 0.94
N VAL A 87 -3.03 -15.59 1.81
CA VAL A 87 -4.42 -15.77 2.27
C VAL A 87 -4.96 -14.56 3.03
N PHE A 88 -4.16 -14.08 3.97
CA PHE A 88 -4.56 -12.95 4.76
C PHE A 88 -4.79 -11.72 3.86
N SER A 89 -4.05 -11.56 2.75
CA SER A 89 -4.19 -10.43 1.82
C SER A 89 -5.59 -10.41 1.23
N GLN A 90 -6.24 -11.58 1.18
CA GLN A 90 -7.59 -11.69 0.53
C GLN A 90 -7.61 -11.36 -0.93
N GLU A 91 -6.46 -11.39 -1.57
CA GLU A 91 -6.35 -11.04 -2.99
C GLU A 91 -7.23 -11.95 -3.84
N ASP A 92 -7.85 -11.39 -4.86
CA ASP A 92 -8.65 -12.24 -5.70
C ASP A 92 -7.83 -13.30 -6.45
N CYS A 93 -6.59 -12.99 -6.76
N CYS A 93 -6.57 -13.05 -6.74
CA CYS A 93 -5.68 -13.99 -7.27
CA CYS A 93 -5.75 -14.09 -7.34
C CYS A 93 -5.62 -15.27 -6.40
C CYS A 93 -5.50 -15.30 -6.41
N MET A 94 -5.55 -15.10 -5.09
CA MET A 94 -5.48 -16.20 -4.15
C MET A 94 -6.83 -16.95 -4.14
N ILE A 95 -7.92 -16.19 -4.12
CA ILE A 95 -9.28 -16.76 -4.18
C ILE A 95 -9.46 -17.66 -5.45
N LYS A 96 -8.99 -17.16 -6.59
CA LYS A 96 -9.08 -17.83 -7.88
C LYS A 96 -8.12 -18.99 -8.04
N ALA A 97 -7.17 -19.14 -7.12
CA ALA A 97 -6.27 -20.28 -7.13
C ALA A 97 -6.83 -21.51 -6.42
N VAL A 98 -7.92 -21.35 -5.67
CA VAL A 98 -8.60 -22.40 -4.90
C VAL A 98 -9.08 -23.48 -5.89
N ARG A 99 -8.86 -24.75 -5.58
CA ARG A 99 -9.18 -25.84 -6.50
C ARG A 99 -10.01 -26.95 -5.85
N GLY A 100 -10.65 -26.67 -4.73
CA GLY A 100 -11.67 -27.58 -4.23
C GLY A 100 -12.69 -26.85 -3.43
N ASP A 101 -13.59 -27.61 -2.83
CA ASP A 101 -14.67 -27.02 -2.07
C ASP A 101 -14.19 -26.64 -0.66
N LEU A 102 -14.66 -25.51 -0.16
CA LEU A 102 -14.36 -25.11 1.19
C LEU A 102 -15.65 -25.16 2.02
N ASN A 103 -15.56 -25.80 3.18
CA ASN A 103 -16.67 -25.85 4.11
C ASN A 103 -16.07 -26.06 5.49
N PHE A 104 -16.92 -26.30 6.49
CA PHE A 104 -16.48 -26.43 7.88
C PHE A 104 -15.56 -27.62 8.11
N GLY A 105 -15.60 -28.59 7.18
CA GLY A 105 -14.59 -29.66 7.11
C GLY A 105 -13.17 -29.12 7.11
N SER A 106 -12.95 -28.02 6.38
CA SER A 106 -11.66 -27.35 6.24
C SER A 106 -11.29 -26.39 7.37
N GLY A 107 -12.27 -25.88 8.09
CA GLY A 107 -12.01 -24.87 9.09
C GLY A 107 -13.24 -24.14 9.50
N LEU A 108 -13.09 -23.31 10.52
CA LEU A 108 -14.25 -22.77 11.20
C LEU A 108 -14.87 -21.54 10.51
N ASN A 109 -14.04 -20.79 9.82
CA ASN A 109 -14.48 -19.72 8.96
C ASN A 109 -13.77 -19.77 7.64
N PRO A 110 -14.25 -19.01 6.66
CA PRO A 110 -13.66 -19.20 5.35
C PRO A 110 -12.18 -18.87 5.28
N MET A 111 -11.74 -17.86 6.02
CA MET A 111 -10.30 -17.54 6.07
C MET A 111 -9.45 -18.72 6.54
N HIS A 112 -9.90 -19.45 7.57
CA HIS A 112 -9.20 -20.66 7.94
C HIS A 112 -9.33 -21.79 6.93
N GLN A 113 -10.48 -21.92 6.25
CA GLN A 113 -10.66 -22.91 5.24
C GLN A 113 -9.71 -22.67 4.08
N LEU A 114 -9.57 -21.43 3.67
CA LEU A 114 -8.66 -21.09 2.59
C LEU A 114 -7.25 -21.40 2.99
N LEU A 115 -6.93 -21.04 4.21
CA LEU A 115 -5.61 -21.29 4.69
C LEU A 115 -5.29 -22.80 4.66
N ARG A 116 -6.20 -23.61 5.20
CA ARG A 116 -5.93 -25.03 5.24
C ARG A 116 -5.83 -25.61 3.85
N HIS A 117 -6.67 -25.12 2.93
CA HIS A 117 -6.57 -25.55 1.52
C HIS A 117 -5.16 -25.34 0.94
N PHE A 118 -4.60 -24.13 1.11
CA PHE A 118 -3.32 -23.84 0.53
C PHE A 118 -2.16 -24.45 1.31
N GLN A 119 -2.35 -24.72 2.59
CA GLN A 119 -1.28 -25.38 3.37
C GLN A 119 -1.09 -26.80 2.89
N LYS A 120 -2.16 -27.45 2.45
CA LYS A 120 -2.05 -28.81 1.89
C LYS A 120 -1.23 -28.84 0.60
N ASP A 121 -1.48 -27.86 -0.28
CA ASP A 121 -0.80 -27.73 -1.56
C ASP A 121 -0.90 -26.29 -2.10
N ALA A 122 0.21 -25.58 -2.13
CA ALA A 122 0.27 -24.19 -2.55
C ALA A 122 0.73 -24.00 -3.99
N LYS A 123 0.97 -25.08 -4.74
CA LYS A 123 1.54 -24.92 -6.08
C LYS A 123 0.69 -24.03 -6.98
N VAL A 124 -0.64 -24.17 -6.99
CA VAL A 124 -1.47 -23.35 -7.86
C VAL A 124 -1.45 -21.88 -7.41
N LEU A 125 -1.54 -21.65 -6.11
CA LEU A 125 -1.37 -20.30 -5.56
C LEU A 125 -0.08 -19.66 -6.05
N PHE A 126 1.04 -20.35 -5.85
CA PHE A 126 2.34 -19.81 -6.16
C PHE A 126 2.48 -19.59 -7.65
N GLN A 127 1.97 -20.55 -8.43
CA GLN A 127 2.01 -20.43 -9.88
C GLN A 127 1.21 -19.25 -10.42
N ASN A 128 0.04 -18.99 -9.84
CA ASN A 128 -0.88 -18.01 -10.36
C ASN A 128 -0.67 -16.61 -9.78
N TRP A 129 0.15 -16.47 -8.73
CA TRP A 129 0.28 -15.19 -8.03
C TRP A 129 0.87 -14.04 -8.88
N GLY A 130 1.92 -14.38 -9.63
CA GLY A 130 2.61 -13.47 -10.54
C GLY A 130 4.03 -13.27 -10.06
N ILE A 131 4.93 -13.01 -11.02
CA ILE A 131 6.33 -12.67 -10.67
C ILE A 131 6.71 -11.33 -11.25
N GLU A 132 7.86 -10.84 -10.86
CA GLU A 132 8.29 -9.51 -11.21
C GLU A 132 9.78 -9.50 -11.15
N PRO A 133 10.41 -8.71 -12.00
CA PRO A 133 11.85 -8.51 -11.84
C PRO A 133 12.07 -7.71 -10.58
N ILE A 134 13.26 -7.81 -10.01
CA ILE A 134 13.59 -7.12 -8.83
C ILE A 134 14.91 -6.33 -8.99
N ASP A 135 15.11 -5.36 -8.11
CA ASP A 135 16.38 -4.62 -7.94
C ASP A 135 17.19 -5.26 -6.84
N ASN A 136 18.48 -4.92 -6.79
CA ASN A 136 19.42 -5.44 -5.81
C ASN A 136 19.28 -4.57 -4.55
N VAL A 137 19.11 -5.23 -3.40
CA VAL A 137 19.08 -4.55 -2.09
C VAL A 137 19.74 -5.40 -1.02
N MET A 138 20.66 -4.77 -0.29
CA MET A 138 21.41 -5.46 0.76
C MET A 138 20.43 -6.14 1.68
N GLY A 139 20.82 -7.33 2.12
CA GLY A 139 20.00 -8.10 3.03
C GLY A 139 18.84 -8.84 2.37
N MET A 140 18.50 -8.54 1.09
CA MET A 140 17.30 -9.12 0.42
C MET A 140 17.55 -9.88 -0.90
N ILE A 141 16.63 -10.79 -1.21
CA ILE A 141 16.69 -11.65 -2.41
C ILE A 141 15.25 -11.94 -2.85
N GLY A 142 15.08 -12.41 -4.08
CA GLY A 142 13.79 -12.85 -4.58
C GLY A 142 13.56 -14.32 -4.28
N ILE A 143 12.31 -14.71 -4.40
CA ILE A 143 11.90 -16.10 -4.16
C ILE A 143 10.94 -16.44 -5.30
N LEU A 144 11.27 -17.49 -6.04
CA LEU A 144 10.48 -17.89 -7.19
C LEU A 144 9.28 -18.71 -6.74
N PRO A 145 8.31 -18.93 -7.64
CA PRO A 145 7.14 -19.75 -7.35
C PRO A 145 7.44 -21.15 -6.88
N ASP A 146 8.58 -21.71 -7.30
CA ASP A 146 8.97 -23.03 -6.85
C ASP A 146 9.75 -23.00 -5.50
N MET A 147 9.77 -21.83 -4.87
CA MET A 147 10.43 -21.56 -3.60
C MET A 147 11.98 -21.65 -3.65
N THR A 148 12.58 -21.43 -4.81
CA THR A 148 14.02 -21.30 -4.87
C THR A 148 14.37 -19.81 -4.90
N PRO A 149 15.60 -19.46 -4.44
CA PRO A 149 15.98 -18.06 -4.44
C PRO A 149 16.45 -17.55 -5.78
N SER A 150 16.26 -16.25 -6.02
CA SER A 150 16.68 -15.60 -7.25
C SER A 150 17.11 -14.19 -6.93
N THR A 151 18.21 -13.75 -7.55
CA THR A 151 18.60 -12.34 -7.43
C THR A 151 17.93 -11.50 -8.50
N GLU A 152 17.15 -12.12 -9.39
CA GLU A 152 16.67 -11.43 -10.59
C GLU A 152 15.16 -11.24 -10.64
N MET A 153 14.40 -12.20 -10.11
CA MET A 153 12.96 -12.17 -10.19
C MET A 153 12.40 -12.60 -8.84
N SER A 154 11.11 -12.35 -8.62
CA SER A 154 10.49 -12.80 -7.39
C SER A 154 8.99 -12.85 -7.57
N LEU A 155 8.36 -13.62 -6.69
CA LEU A 155 6.92 -13.53 -6.48
C LEU A 155 6.60 -12.03 -6.28
N ARG A 156 5.54 -11.59 -6.93
CA ARG A 156 5.07 -10.22 -6.93
C ARG A 156 4.92 -9.71 -5.50
N GLY A 157 5.60 -8.61 -5.19
CA GLY A 157 5.53 -8.02 -3.88
C GLY A 157 6.31 -8.70 -2.75
N VAL A 158 6.94 -9.84 -3.03
CA VAL A 158 7.57 -10.65 -2.02
C VAL A 158 9.10 -10.57 -2.11
N ARG A 159 9.76 -10.41 -0.98
CA ARG A 159 11.22 -10.50 -0.90
C ARG A 159 11.59 -11.26 0.32
N VAL A 160 12.80 -11.87 0.30
CA VAL A 160 13.28 -12.65 1.42
C VAL A 160 14.50 -11.94 1.98
N SER A 161 14.60 -11.90 3.30
CA SER A 161 15.59 -11.04 3.94
C SER A 161 16.72 -11.94 4.39
N SER B 5 18.49 8.43 -5.13
CA SER B 5 17.31 9.16 -5.63
C SER B 5 17.17 10.48 -4.82
N SER B 6 17.77 11.58 -5.34
CA SER B 6 17.58 12.96 -4.81
C SER B 6 17.28 13.90 -5.96
N PHE B 7 16.16 14.58 -5.88
CA PHE B 7 15.64 15.31 -7.00
C PHE B 7 14.69 16.33 -6.42
N SER B 8 14.36 17.30 -7.27
CA SER B 8 13.43 18.33 -6.88
C SER B 8 12.10 18.21 -7.66
N PHE B 9 11.00 18.46 -6.98
CA PHE B 9 9.67 18.46 -7.59
C PHE B 9 8.80 19.42 -6.81
N GLY B 10 8.16 20.32 -7.56
CA GLY B 10 7.26 21.28 -7.01
C GLY B 10 7.87 22.12 -5.93
N GLY B 11 9.18 22.36 -6.01
CA GLY B 11 9.87 23.21 -5.06
C GLY B 11 10.33 22.52 -3.79
N PHE B 12 10.13 21.19 -3.71
CA PHE B 12 10.63 20.37 -2.62
C PHE B 12 11.78 19.48 -3.12
N THR B 13 12.82 19.34 -2.33
CA THR B 13 13.85 18.37 -2.59
C THR B 13 13.39 17.04 -1.95
N PHE B 14 13.29 16.01 -2.80
CA PHE B 14 12.93 14.66 -2.36
C PHE B 14 14.23 13.85 -2.25
N LYS B 15 14.38 13.09 -1.16
CA LYS B 15 15.45 12.11 -1.06
C LYS B 15 14.86 10.80 -0.61
N ARG B 16 15.11 9.74 -1.39
CA ARG B 16 14.58 8.43 -1.03
C ARG B 16 15.47 7.85 0.05
N THR B 17 14.84 7.45 1.16
CA THR B 17 15.52 6.87 2.30
C THR B 17 15.32 5.36 2.38
N SER B 18 14.35 4.82 1.64
CA SER B 18 14.01 3.38 1.67
C SER B 18 13.25 2.96 0.44
N GLY B 19 13.48 1.73 -0.04
CA GLY B 19 12.71 1.11 -1.11
C GLY B 19 13.27 1.43 -2.47
N SER B 20 12.48 1.20 -3.48
CA SER B 20 12.88 1.54 -4.83
C SER B 20 11.66 1.39 -5.70
N SER B 21 11.82 1.74 -6.97
CA SER B 21 10.72 1.64 -7.88
C SER B 21 11.20 1.49 -9.27
N VAL B 22 10.25 1.13 -10.14
CA VAL B 22 10.41 1.06 -11.57
CA VAL B 22 10.47 1.15 -11.57
C VAL B 22 9.38 2.00 -12.20
N LYS B 23 9.77 2.69 -13.28
CA LYS B 23 8.90 3.65 -13.95
C LYS B 23 8.28 2.98 -15.16
N LYS B 24 6.97 3.05 -15.29
CA LYS B 24 6.26 2.42 -16.39
C LYS B 24 5.24 3.38 -17.00
N GLU B 25 5.21 3.49 -18.31
CA GLU B 25 4.24 4.36 -18.96
C GLU B 25 2.88 3.73 -18.82
N GLU B 26 1.91 4.56 -18.43
CA GLU B 26 0.56 4.07 -18.24
C GLU B 26 -0.40 5.15 -18.66
N GLU B 27 -1.55 4.71 -19.17
CA GLU B 27 -2.65 5.60 -19.53
C GLU B 27 -3.60 5.71 -18.35
N VAL B 28 -3.93 6.93 -17.99
CA VAL B 28 -4.90 7.17 -16.95
C VAL B 28 -5.98 8.09 -17.49
N LEU B 29 -7.09 8.12 -16.79
CA LEU B 29 -8.30 8.85 -17.18
C LEU B 29 -8.60 9.89 -16.10
N THR B 30 -8.61 11.16 -16.49
CA THR B 30 -9.00 12.25 -15.58
C THR B 30 -10.50 12.22 -15.33
N GLY B 31 -10.96 13.10 -14.42
CA GLY B 31 -12.39 13.20 -14.15
C GLY B 31 -13.21 13.74 -15.32
N ASN B 32 -12.52 14.38 -16.27
CA ASN B 32 -13.10 14.80 -17.57
C ASN B 32 -13.12 13.67 -18.62
N LEU B 33 -12.61 12.49 -18.25
CA LEU B 33 -12.46 11.38 -19.16
C LEU B 33 -11.37 11.63 -20.23
N GLN B 34 -10.43 12.53 -19.96
CA GLN B 34 -9.28 12.79 -20.84
C GLN B 34 -8.23 11.73 -20.57
N THR B 35 -7.66 11.16 -21.63
CA THR B 35 -6.53 10.20 -21.51
C THR B 35 -5.20 10.94 -21.34
N LEU B 36 -4.42 10.60 -20.31
CA LEU B 36 -3.02 11.05 -20.21
C LEU B 36 -2.12 9.85 -20.00
N LYS B 37 -0.96 9.93 -20.63
CA LYS B 37 0.12 8.98 -20.47
C LYS B 37 1.01 9.57 -19.40
N ILE B 38 1.18 8.84 -18.33
CA ILE B 38 2.07 9.26 -17.29
C ILE B 38 3.07 8.17 -16.97
N ARG B 39 4.21 8.58 -16.41
CA ARG B 39 5.21 7.64 -16.00
C ARG B 39 4.96 7.26 -14.54
N VAL B 40 4.30 6.12 -14.36
CA VAL B 40 3.92 5.57 -13.05
C VAL B 40 5.09 4.82 -12.37
N HIS B 41 5.36 5.19 -11.13
CA HIS B 41 6.33 4.48 -10.30
C HIS B 41 5.66 3.37 -9.58
N GLU B 42 6.23 2.17 -9.76
CA GLU B 42 5.75 0.98 -9.14
C GLU B 42 6.77 0.54 -8.05
N GLY B 43 6.27 0.41 -6.82
CA GLY B 43 7.11 -0.01 -5.71
C GLY B 43 6.89 0.79 -4.45
N TYR B 44 7.27 0.21 -3.32
CA TYR B 44 7.15 0.84 -2.02
C TYR B 44 8.39 1.70 -1.74
N GLU B 45 8.18 2.98 -1.35
CA GLU B 45 9.28 3.91 -1.13
C GLU B 45 9.02 4.88 0.00
N GLU B 46 10.09 5.33 0.64
CA GLU B 46 10.01 6.30 1.72
C GLU B 46 10.95 7.46 1.39
N PHE B 47 10.47 8.68 1.62
CA PHE B 47 11.21 9.91 1.26
C PHE B 47 11.21 10.90 2.43
N THR B 48 12.24 11.73 2.41
CA THR B 48 12.13 13.03 2.98
C THR B 48 11.78 14.05 1.89
N MET B 49 11.05 15.08 2.28
CA MET B 49 10.68 16.21 1.40
C MET B 49 11.04 17.47 2.13
N VAL B 50 11.92 18.30 1.56
CA VAL B 50 12.38 19.53 2.20
C VAL B 50 12.09 20.68 1.26
N GLY B 51 11.25 21.62 1.70
CA GLY B 51 11.03 22.89 1.01
C GLY B 51 11.49 24.11 1.80
N ARG B 52 11.20 25.27 1.26
CA ARG B 52 11.62 26.53 1.88
C ARG B 52 10.89 26.80 3.17
N ARG B 53 9.61 26.39 3.23
CA ARG B 53 8.75 26.69 4.32
C ARG B 53 8.02 25.47 4.91
N ALA B 54 8.39 24.28 4.48
CA ALA B 54 7.75 23.08 5.03
C ALA B 54 8.67 21.90 4.75
N THR B 55 8.56 20.86 5.58
CA THR B 55 9.29 19.63 5.38
C THR B 55 8.37 18.48 5.74
N ALA B 56 8.69 17.31 5.24
CA ALA B 56 7.77 16.17 5.42
C ALA B 56 8.52 14.87 5.25
N ILE B 57 7.95 13.83 5.86
CA ILE B 57 8.26 12.45 5.53
C ILE B 57 7.10 11.94 4.70
N LEU B 58 7.41 11.23 3.61
CA LEU B 58 6.41 10.68 2.73
C LEU B 58 6.71 9.18 2.51
N ARG B 59 5.71 8.35 2.70
CA ARG B 59 5.79 6.92 2.36
C ARG B 59 4.73 6.70 1.30
N LYS B 60 5.05 5.92 0.29
CA LYS B 60 4.10 5.69 -0.76
C LYS B 60 4.35 4.34 -1.38
N ALA B 61 3.36 3.87 -2.14
CA ALA B 61 3.58 2.73 -3.00
C ALA B 61 2.96 3.05 -4.37
N THR B 62 2.69 2.04 -5.16
CA THR B 62 2.24 2.26 -6.54
C THR B 62 0.94 3.02 -6.51
N ARG B 63 0.97 4.27 -6.97
CA ARG B 63 -0.21 5.13 -7.04
C ARG B 63 -0.98 5.13 -5.71
N ARG B 64 -0.25 5.27 -4.62
CA ARG B 64 -0.81 5.19 -3.29
C ARG B 64 0.02 6.01 -2.30
N LEU B 65 -0.60 7.05 -1.73
CA LEU B 65 0.01 7.81 -0.65
CA LEU B 65 0.02 7.81 -0.64
C LEU B 65 -0.28 7.01 0.61
N ILE B 66 0.78 6.59 1.30
CA ILE B 66 0.60 5.82 2.50
C ILE B 66 0.61 6.72 3.72
N GLN B 67 1.62 7.57 3.80
CA GLN B 67 1.80 8.43 4.95
C GLN B 67 2.50 9.70 4.53
N LEU B 68 1.96 10.82 4.98
CA LEU B 68 2.63 12.08 4.90
C LEU B 68 2.54 12.77 6.25
N ILE B 69 3.70 13.04 6.82
CA ILE B 69 3.75 13.81 8.07
C ILE B 69 4.48 15.14 7.73
N VAL B 70 3.77 16.26 7.82
CA VAL B 70 4.26 17.57 7.35
C VAL B 70 4.39 18.53 8.53
N SER B 71 5.50 19.25 8.52
CA SER B 71 5.69 20.37 9.39
C SER B 71 5.91 21.62 8.53
N GLY B 72 5.28 22.74 8.89
CA GLY B 72 5.33 23.93 8.03
C GLY B 72 5.21 25.22 8.79
N ARG B 73 5.61 26.31 8.15
CA ARG B 73 5.70 27.60 8.85
C ARG B 73 4.32 28.23 9.01
N ASP B 74 3.40 27.85 8.14
CA ASP B 74 2.07 28.42 8.16
C ASP B 74 1.13 27.55 7.35
N GLU B 75 -0.15 27.89 7.40
CA GLU B 75 -1.19 27.19 6.69
C GLU B 75 -0.96 27.01 5.17
N GLN B 76 -0.64 28.09 4.46
CA GLN B 76 -0.31 28.04 3.04
C GLN B 76 0.82 27.05 2.70
N SER B 77 1.90 27.08 3.48
CA SER B 77 3.07 26.24 3.27
CA SER B 77 3.06 26.22 3.23
C SER B 77 2.73 24.75 3.43
N ILE B 78 1.90 24.47 4.44
CA ILE B 78 1.48 23.08 4.73
C ILE B 78 0.60 22.61 3.58
N ALA B 79 -0.33 23.44 3.14
CA ALA B 79 -1.18 23.10 2.00
C ALA B 79 -0.37 22.81 0.74
N GLU B 80 0.65 23.63 0.50
CA GLU B 80 1.51 23.41 -0.65
C GLU B 80 2.22 22.06 -0.60
N ALA B 81 2.78 21.69 0.56
CA ALA B 81 3.39 20.39 0.73
C ALA B 81 2.40 19.24 0.46
N ILE B 82 1.16 19.42 0.92
CA ILE B 82 0.18 18.39 0.78
C ILE B 82 -0.18 18.20 -0.68
N ILE B 83 -0.36 19.31 -1.39
CA ILE B 83 -0.68 19.26 -2.79
C ILE B 83 0.42 18.57 -3.55
N VAL B 84 1.69 18.93 -3.23
CA VAL B 84 2.80 18.31 -3.97
C VAL B 84 2.87 16.80 -3.70
N ALA B 85 2.62 16.41 -2.44
CA ALA B 85 2.63 14.98 -2.07
C ALA B 85 1.52 14.22 -2.77
N MET B 86 0.32 14.82 -2.80
CA MET B 86 -0.79 14.19 -3.46
C MET B 86 -0.53 13.95 -4.96
N VAL B 87 0.02 14.94 -5.64
CA VAL B 87 0.38 14.81 -7.04
C VAL B 87 1.48 13.75 -7.24
N PHE B 88 2.53 13.84 -6.42
CA PHE B 88 3.62 12.91 -6.40
C PHE B 88 3.15 11.46 -6.21
N SER B 89 2.14 11.26 -5.37
CA SER B 89 1.62 9.92 -5.09
C SER B 89 1.06 9.23 -6.35
N GLN B 90 0.64 10.02 -7.35
CA GLN B 90 0.03 9.51 -8.56
C GLN B 90 -1.30 8.79 -8.36
N GLU B 91 -1.94 9.01 -7.24
CA GLU B 91 -3.18 8.33 -6.91
C GLU B 91 -4.25 8.69 -7.91
N ASP B 92 -5.07 7.69 -8.21
CA ASP B 92 -6.17 7.88 -9.16
C ASP B 92 -7.19 8.89 -8.66
N CYS B 93 -7.38 8.99 -7.36
CA CYS B 93 -8.32 10.01 -6.86
CA CYS B 93 -8.23 10.01 -6.75
C CYS B 93 -7.79 11.43 -7.12
N MET B 94 -6.47 11.58 -7.29
CA MET B 94 -5.91 12.84 -7.64
C MET B 94 -6.12 13.07 -9.15
N ILE B 95 -5.85 12.06 -9.97
CA ILE B 95 -6.09 12.18 -11.40
C ILE B 95 -7.57 12.53 -11.67
N LYS B 96 -8.46 11.85 -10.97
CA LYS B 96 -9.91 12.02 -11.13
C LYS B 96 -10.41 13.39 -10.66
N ALA B 97 -9.61 14.06 -9.83
CA ALA B 97 -9.95 15.41 -9.37
C ALA B 97 -9.68 16.45 -10.45
N VAL B 98 -8.99 16.09 -11.52
CA VAL B 98 -8.84 16.99 -12.66
C VAL B 98 -10.18 17.03 -13.42
N ARG B 99 -10.75 18.22 -13.57
CA ARG B 99 -12.13 18.38 -14.07
C ARG B 99 -12.22 18.99 -15.47
N GLY B 100 -11.18 19.69 -15.91
CA GLY B 100 -11.09 20.17 -17.29
C GLY B 100 -9.89 19.56 -18.00
N ASP B 101 -9.70 19.92 -19.28
CA ASP B 101 -8.55 19.41 -20.05
C ASP B 101 -7.31 20.26 -19.69
N LEU B 102 -6.13 19.63 -19.59
CA LEU B 102 -4.87 20.33 -19.29
C LEU B 102 -4.27 20.88 -20.57
N GLY B 107 1.68 22.74 -17.79
CA GLY B 107 3.06 22.43 -17.41
C GLY B 107 3.90 21.79 -18.51
N LEU B 108 5.08 21.31 -18.13
CA LEU B 108 6.06 20.83 -19.08
C LEU B 108 5.80 19.36 -19.48
N ASN B 109 5.81 18.50 -18.47
CA ASN B 109 5.48 17.09 -18.62
C ASN B 109 4.22 16.87 -17.79
N PRO B 110 3.56 15.73 -17.92
CA PRO B 110 2.25 15.59 -17.28
C PRO B 110 2.26 15.77 -15.75
N MET B 111 3.29 15.27 -15.07
CA MET B 111 3.37 15.46 -13.63
C MET B 111 3.42 16.96 -13.25
N HIS B 112 4.17 17.76 -14.02
CA HIS B 112 4.22 19.20 -13.78
C HIS B 112 2.95 19.92 -14.15
N GLN B 113 2.29 19.45 -15.22
CA GLN B 113 0.99 20.00 -15.60
C GLN B 113 -0.03 19.73 -14.50
N LEU B 114 0.00 18.53 -13.92
CA LEU B 114 -0.92 18.21 -12.84
C LEU B 114 -0.63 19.14 -11.65
N LEU B 115 0.64 19.26 -11.28
CA LEU B 115 0.99 20.16 -10.19
C LEU B 115 0.48 21.61 -10.39
N ARG B 116 0.74 22.18 -11.56
CA ARG B 116 0.35 23.57 -11.80
C ARG B 116 -1.16 23.74 -11.69
N HIS B 117 -1.91 22.78 -12.20
CA HIS B 117 -3.38 22.77 -12.12
C HIS B 117 -3.90 22.79 -10.69
N PHE B 118 -3.34 21.91 -9.84
CA PHE B 118 -3.80 21.88 -8.47
C PHE B 118 -3.25 23.02 -7.63
N GLN B 119 -2.12 23.58 -8.00
CA GLN B 119 -1.58 24.78 -7.34
C GLN B 119 -2.45 25.99 -7.61
N LYS B 120 -3.08 26.03 -8.77
CA LYS B 120 -3.99 27.11 -9.09
C LYS B 120 -5.28 26.84 -8.34
N ASP B 121 -5.67 25.58 -8.21
CA ASP B 121 -6.89 25.26 -7.46
C ASP B 121 -6.94 23.86 -6.91
N ALA B 122 -6.83 23.73 -5.58
CA ALA B 122 -6.76 22.44 -4.91
C ALA B 122 -8.08 21.99 -4.27
N LYS B 123 -9.16 22.71 -4.56
CA LYS B 123 -10.39 22.49 -3.82
C LYS B 123 -11.06 21.18 -4.12
N VAL B 124 -11.11 20.81 -5.39
CA VAL B 124 -11.70 19.55 -5.74
C VAL B 124 -10.83 18.42 -5.24
N LEU B 125 -9.54 18.57 -5.40
CA LEU B 125 -8.58 17.55 -4.93
C LEU B 125 -8.78 17.21 -3.44
N PHE B 126 -8.76 18.26 -2.60
CA PHE B 126 -8.88 18.10 -1.15
C PHE B 126 -10.23 17.55 -0.74
N GLN B 127 -11.27 18.02 -1.42
CA GLN B 127 -12.63 17.52 -1.15
C GLN B 127 -12.85 16.08 -1.59
N ASN B 128 -12.22 15.65 -2.67
CA ASN B 128 -12.40 14.26 -3.09
C ASN B 128 -11.43 13.25 -2.50
N TRP B 129 -10.35 13.73 -1.91
CA TRP B 129 -9.29 12.85 -1.41
C TRP B 129 -9.72 11.85 -0.34
N GLY B 130 -10.51 12.31 0.62
CA GLY B 130 -11.04 11.47 1.67
C GLY B 130 -10.48 11.83 3.03
N ILE B 131 -11.28 11.64 4.06
CA ILE B 131 -10.84 11.88 5.41
C ILE B 131 -10.98 10.58 6.19
N GLU B 132 -10.29 10.50 7.32
CA GLU B 132 -10.33 9.34 8.17
C GLU B 132 -10.17 9.80 9.60
N PRO B 133 -10.60 8.97 10.55
CA PRO B 133 -10.34 9.25 11.94
C PRO B 133 -8.88 9.04 12.24
N ILE B 134 -8.40 9.69 13.28
CA ILE B 134 -7.04 9.53 13.72
C ILE B 134 -7.03 9.26 15.21
N ASP B 135 -5.91 8.76 15.69
CA ASP B 135 -5.68 8.60 17.12
CA ASP B 135 -5.60 8.54 17.10
C ASP B 135 -4.83 9.74 17.64
N ASN B 136 -4.63 9.80 18.96
CA ASN B 136 -3.84 10.83 19.55
C ASN B 136 -2.39 10.37 19.53
N VAL B 137 -1.56 11.14 18.86
CA VAL B 137 -0.12 10.94 18.86
C VAL B 137 0.43 12.30 19.31
N MET B 138 1.31 12.28 20.29
CA MET B 138 1.81 13.53 20.91
C MET B 138 2.53 14.31 19.80
N GLY B 139 2.26 15.59 19.72
CA GLY B 139 2.89 16.46 18.72
C GLY B 139 2.34 16.33 17.30
N MET B 140 1.29 15.54 17.10
CA MET B 140 0.64 15.35 15.78
C MET B 140 -0.78 15.81 15.84
N ILE B 141 -1.31 16.30 14.72
N ILE B 141 -1.29 16.33 14.73
CA ILE B 141 -2.68 16.72 14.63
CA ILE B 141 -2.68 16.75 14.63
C ILE B 141 -3.18 16.45 13.20
C ILE B 141 -3.17 16.42 13.22
N GLY B 142 -4.48 16.38 13.03
CA GLY B 142 -5.09 16.20 11.73
C GLY B 142 -5.35 17.50 11.03
N ILE B 143 -5.63 17.39 9.74
CA ILE B 143 -5.96 18.53 8.92
C ILE B 143 -7.09 18.15 7.99
N LEU B 144 -8.12 18.99 7.97
CA LEU B 144 -9.33 18.74 7.19
C LEU B 144 -9.18 19.38 5.83
N PRO B 145 -10.08 19.05 4.90
CA PRO B 145 -9.93 19.55 3.53
C PRO B 145 -9.89 21.08 3.39
N ASP B 146 -10.50 21.81 4.32
CA ASP B 146 -10.43 23.27 4.26
C ASP B 146 -9.34 23.81 5.18
N MET B 147 -8.44 22.92 5.59
CA MET B 147 -7.26 23.23 6.41
C MET B 147 -7.54 23.45 7.89
N THR B 148 -8.71 23.08 8.38
CA THR B 148 -9.04 23.18 9.79
C THR B 148 -8.18 22.17 10.50
N PRO B 149 -7.43 22.57 11.56
CA PRO B 149 -6.79 21.54 12.33
C PRO B 149 -7.80 20.76 13.15
N SER B 150 -7.60 19.45 13.28
CA SER B 150 -8.56 18.60 13.99
C SER B 150 -7.80 17.55 14.75
N THR B 151 -8.20 17.31 15.98
CA THR B 151 -7.61 16.23 16.78
C THR B 151 -8.34 14.90 16.55
N GLU B 152 -9.40 14.92 15.75
CA GLU B 152 -10.28 13.77 15.58
C GLU B 152 -10.25 13.10 14.20
N MET B 153 -10.06 13.90 13.15
CA MET B 153 -10.14 13.46 11.75
C MET B 153 -9.02 14.17 10.95
N SER B 154 -8.61 13.56 9.83
CA SER B 154 -7.62 14.18 8.95
C SER B 154 -7.84 13.71 7.51
N LEU B 155 -7.37 14.50 6.56
CA LEU B 155 -7.18 14.02 5.20
C LEU B 155 -6.46 12.69 5.25
N ARG B 156 -6.95 11.74 4.44
CA ARG B 156 -6.46 10.39 4.45
C ARG B 156 -4.95 10.34 4.27
N GLY B 157 -4.28 9.64 5.18
CA GLY B 157 -2.84 9.47 5.21
C GLY B 157 -1.99 10.67 5.63
N VAL B 158 -2.62 11.78 6.02
CA VAL B 158 -1.88 13.01 6.23
C VAL B 158 -1.94 13.36 7.73
N ARG B 159 -0.81 13.74 8.29
CA ARG B 159 -0.80 14.35 9.63
C ARG B 159 0.10 15.55 9.63
N VAL B 160 -0.19 16.51 10.52
CA VAL B 160 0.67 17.69 10.66
C VAL B 160 1.45 17.54 11.96
N SER B 161 2.74 17.82 11.93
CA SER B 161 3.57 17.76 13.12
C SER B 161 3.70 19.18 13.66
N LYS B 162 3.38 19.41 14.93
CA LYS B 162 3.59 20.74 15.55
C LYS B 162 4.71 20.74 16.61
#